data_6VSP
#
_entry.id   6VSP
#
_cell.length_a   108.675
_cell.length_b   108.675
_cell.length_c   82.948
_cell.angle_alpha   90.000
_cell.angle_beta   90.000
_cell.angle_gamma   90.000
#
_symmetry.space_group_name_H-M   'P 43 21 2'
#
loop_
_entity.id
_entity.type
_entity.pdbx_description
1 polymer '2,3-butanediol dehydrogenase'
2 non-polymer NICOTINAMIDE-ADENINE-DINUCLEOTIDE
3 non-polymer GLYCEROL
4 non-polymer 1,2-ETHANEDIOL
5 non-polymer 'SODIUM ION'
6 non-polymer "ADENOSINE-5'-DIPHOSPHATE"
7 water water
#
_entity_poly.entity_id   1
_entity_poly.type   'polypeptide(L)'
_entity_poly.pdbx_seq_one_letter_code
;MHHHHHHENLYFQGRFDNKVVVITGAGNGMGEAAARRFSAEGAIVVLADWAKEAVDKVAASLPKGRAMAVHIDVSDHVAV
EKMMNEVAEKLGRIDVLLNNAGVHVAGSVLETSIDDWRRIAGVDIDGVVFCSKFALPHLLKTKGCIVNTASVSGLGGDWG
AAYYCAAKGAVVNLTRAMALDHGGDGVRINSVCPSLVKTNMTNGWPQEIRDKFNERIALGRAAEPEEVAAVMAFLASDDA
SFINGANIPVDGGATASDGAPKIV
;
_entity_poly.pdbx_strand_id   A,B
#
# COMPACT_ATOMS: atom_id res chain seq x y z
N GLY A 14 7.81 -15.50 -12.71
CA GLY A 14 7.92 -14.75 -13.99
C GLY A 14 7.21 -13.39 -14.00
N ARG A 15 6.80 -12.85 -12.84
CA ARG A 15 6.13 -11.52 -12.77
C ARG A 15 6.98 -10.45 -13.45
N PHE A 16 8.31 -10.52 -13.39
CA PHE A 16 9.21 -9.47 -13.94
C PHE A 16 10.07 -10.02 -15.08
N ASP A 17 9.60 -11.08 -15.75
CA ASP A 17 10.35 -11.75 -16.83
C ASP A 17 10.86 -10.71 -17.82
N ASN A 18 12.18 -10.57 -17.91
CA ASN A 18 12.94 -9.76 -18.91
C ASN A 18 12.69 -8.26 -18.73
N LYS A 19 12.08 -7.85 -17.62
CA LYS A 19 11.99 -6.41 -17.24
C LYS A 19 13.38 -6.00 -16.75
N VAL A 20 13.87 -4.85 -17.18
CA VAL A 20 15.13 -4.26 -16.65
C VAL A 20 14.77 -3.44 -15.39
N VAL A 21 15.35 -3.82 -14.25
CA VAL A 21 15.12 -3.19 -12.93
C VAL A 21 16.44 -2.58 -12.43
N VAL A 22 16.49 -1.25 -12.34
CA VAL A 22 17.66 -0.48 -11.83
C VAL A 22 17.44 -0.22 -10.34
N ILE A 23 18.35 -0.69 -9.52
CA ILE A 23 18.24 -0.64 -8.04
C ILE A 23 19.46 0.08 -7.47
N THR A 24 19.27 1.26 -6.89
CA THR A 24 20.35 1.98 -6.21
C THR A 24 20.41 1.44 -4.79
N GLY A 25 21.60 1.44 -4.20
CA GLY A 25 21.87 0.85 -2.87
C GLY A 25 21.65 -0.65 -2.89
N ALA A 26 21.99 -1.31 -4.01
CA ALA A 26 21.69 -2.74 -4.24
C ALA A 26 22.72 -3.64 -3.55
N GLY A 27 23.79 -3.09 -2.95
CA GLY A 27 24.91 -3.89 -2.39
C GLY A 27 24.63 -4.40 -1.00
N ASN A 28 23.54 -3.94 -0.36
CA ASN A 28 23.23 -4.26 1.05
C ASN A 28 21.75 -4.07 1.34
N GLY A 29 21.27 -4.66 2.44
CA GLY A 29 19.98 -4.34 3.06
C GLY A 29 18.82 -4.47 2.10
N MET A 30 17.95 -3.47 2.08
CA MET A 30 16.68 -3.55 1.33
C MET A 30 16.94 -3.58 -0.18
N GLY A 31 17.95 -2.84 -0.66
CA GLY A 31 18.38 -2.88 -2.07
C GLY A 31 18.78 -4.29 -2.49
N GLU A 32 19.64 -4.94 -1.71
CA GLU A 32 20.10 -6.33 -1.97
C GLU A 32 18.87 -7.25 -1.97
N ALA A 33 17.99 -7.10 -0.97
CA ALA A 33 16.78 -7.94 -0.82
C ALA A 33 15.89 -7.72 -2.06
N ALA A 34 15.74 -6.47 -2.53
CA ALA A 34 14.98 -6.17 -3.77
C ALA A 34 15.66 -6.88 -4.96
N ALA A 35 16.98 -6.80 -5.09
CA ALA A 35 17.71 -7.41 -6.23
C ALA A 35 17.37 -8.89 -6.27
N ARG A 36 17.40 -9.56 -5.13
CA ARG A 36 17.20 -11.02 -5.07
C ARG A 36 15.74 -11.34 -5.41
N ARG A 37 14.80 -10.53 -4.91
CA ARG A 37 13.34 -10.76 -5.10
C ARG A 37 13.01 -10.55 -6.59
N PHE A 38 13.40 -9.43 -7.17
CA PHE A 38 13.16 -9.14 -8.61
C PHE A 38 13.87 -10.17 -9.50
N SER A 39 15.10 -10.56 -9.15
CA SER A 39 15.88 -11.59 -9.88
C SER A 39 15.11 -12.93 -9.86
N ALA A 40 14.60 -13.34 -8.70
CA ALA A 40 13.85 -14.61 -8.56
C ALA A 40 12.61 -14.57 -9.45
N GLU A 41 12.07 -13.38 -9.72
CA GLU A 41 10.84 -13.23 -10.50
C GLU A 41 11.14 -12.93 -11.98
N GLY A 42 12.37 -13.14 -12.42
CA GLY A 42 12.70 -13.12 -13.86
C GLY A 42 13.30 -11.81 -14.35
N ALA A 43 13.52 -10.80 -13.47
CA ALA A 43 14.05 -9.49 -13.90
C ALA A 43 15.52 -9.61 -14.28
N ILE A 44 15.95 -8.77 -15.21
CA ILE A 44 17.39 -8.42 -15.38
C ILE A 44 17.63 -7.23 -14.46
N VAL A 45 18.60 -7.32 -13.57
CA VAL A 45 18.77 -6.36 -12.45
C VAL A 45 20.08 -5.62 -12.62
N VAL A 46 20.00 -4.30 -12.64
CA VAL A 46 21.18 -3.40 -12.63
C VAL A 46 21.41 -2.96 -11.19
N LEU A 47 22.51 -3.36 -10.57
CA LEU A 47 22.81 -3.11 -9.14
C LEU A 47 23.80 -1.94 -9.04
N ALA A 48 23.29 -0.77 -8.65
CA ALA A 48 24.06 0.49 -8.53
C ALA A 48 24.41 0.70 -7.06
N ASP A 49 25.70 0.88 -6.78
CA ASP A 49 26.14 1.14 -5.40
C ASP A 49 27.55 1.71 -5.45
N TRP A 50 27.89 2.48 -4.42
CA TRP A 50 29.26 3.04 -4.27
C TRP A 50 30.13 2.11 -3.43
N ALA A 51 29.54 1.06 -2.82
CA ALA A 51 30.27 -0.02 -2.11
C ALA A 51 30.59 -1.12 -3.12
N LYS A 52 31.77 -1.07 -3.73
CA LYS A 52 32.06 -1.85 -4.96
C LYS A 52 32.12 -3.36 -4.65
N GLU A 53 32.84 -3.78 -3.63
CA GLU A 53 32.99 -5.22 -3.25
C GLU A 53 31.60 -5.78 -2.95
N ALA A 54 30.81 -5.06 -2.15
CA ALA A 54 29.49 -5.53 -1.68
C ALA A 54 28.58 -5.75 -2.89
N VAL A 55 28.48 -4.79 -3.82
CA VAL A 55 27.50 -4.88 -4.94
C VAL A 55 27.99 -5.91 -5.98
N ASP A 56 29.30 -6.07 -6.12
CA ASP A 56 29.89 -7.08 -7.03
C ASP A 56 29.52 -8.48 -6.52
N LYS A 57 29.60 -8.69 -5.20
CA LYS A 57 29.27 -10.00 -4.57
C LYS A 57 27.79 -10.30 -4.79
N VAL A 58 26.90 -9.31 -4.67
CA VAL A 58 25.44 -9.54 -4.88
C VAL A 58 25.22 -9.90 -6.36
N ALA A 59 25.75 -9.08 -7.27
CA ALA A 59 25.62 -9.30 -8.74
C ALA A 59 26.09 -10.72 -9.12
N ALA A 60 27.23 -11.14 -8.60
CA ALA A 60 27.86 -12.44 -8.93
C ALA A 60 27.03 -13.59 -8.36
N SER A 61 26.15 -13.35 -7.37
CA SER A 61 25.33 -14.40 -6.70
C SER A 61 24.10 -14.71 -7.54
N LEU A 62 23.78 -13.85 -8.52
CA LEU A 62 22.51 -13.96 -9.29
C LEU A 62 22.82 -14.64 -10.62
N PRO A 63 21.79 -15.12 -11.34
CA PRO A 63 21.99 -15.90 -12.56
C PRO A 63 22.77 -15.11 -13.63
N LYS A 64 23.75 -15.79 -14.23
CA LYS A 64 24.71 -15.23 -15.20
C LYS A 64 23.91 -14.60 -16.34
N GLY A 65 24.35 -13.46 -16.84
CA GLY A 65 23.65 -12.72 -17.91
C GLY A 65 22.42 -11.98 -17.42
N ARG A 66 22.07 -12.03 -16.14
CA ARG A 66 20.80 -11.41 -15.68
C ARG A 66 21.02 -10.39 -14.55
N ALA A 67 22.26 -10.00 -14.30
CA ALA A 67 22.64 -9.06 -13.23
C ALA A 67 23.94 -8.37 -13.63
N MET A 68 23.99 -7.04 -13.50
CA MET A 68 25.25 -6.27 -13.69
C MET A 68 25.33 -5.19 -12.61
N ALA A 69 26.54 -5.02 -12.07
CA ALA A 69 26.88 -4.04 -11.04
C ALA A 69 27.40 -2.77 -11.72
N VAL A 70 27.02 -1.62 -11.17
CA VAL A 70 27.59 -0.29 -11.56
C VAL A 70 28.11 0.35 -10.28
N HIS A 71 29.39 0.73 -10.27
CA HIS A 71 30.05 1.41 -9.12
C HIS A 71 29.78 2.90 -9.32
N ILE A 72 28.82 3.46 -8.56
CA ILE A 72 28.36 4.85 -8.78
C ILE A 72 27.93 5.44 -7.45
N ASP A 73 28.23 6.73 -7.30
CA ASP A 73 27.70 7.67 -6.27
C ASP A 73 26.49 8.37 -6.87
N VAL A 74 25.28 8.00 -6.45
CA VAL A 74 24.00 8.54 -7.01
C VAL A 74 23.89 10.05 -6.77
N SER A 75 24.68 10.64 -5.87
CA SER A 75 24.67 12.13 -5.64
C SER A 75 25.27 12.88 -6.84
N ASP A 76 25.85 12.16 -7.80
CA ASP A 76 26.63 12.74 -8.93
C ASP A 76 25.78 12.67 -10.20
N HIS A 77 25.21 13.81 -10.63
CA HIS A 77 24.25 13.86 -11.74
C HIS A 77 24.93 13.43 -13.04
N VAL A 78 26.22 13.73 -13.21
CA VAL A 78 26.95 13.38 -14.46
C VAL A 78 27.04 11.85 -14.54
N ALA A 79 27.47 11.22 -13.47
CA ALA A 79 27.58 9.74 -13.37
C ALA A 79 26.21 9.10 -13.57
N VAL A 80 25.15 9.70 -12.98
CA VAL A 80 23.78 9.12 -13.03
C VAL A 80 23.25 9.19 -14.45
N GLU A 81 23.38 10.33 -15.13
CA GLU A 81 22.83 10.46 -16.50
C GLU A 81 23.48 9.39 -17.41
N LYS A 82 24.79 9.21 -17.27
CA LYS A 82 25.62 8.25 -18.04
C LYS A 82 25.12 6.84 -17.76
N MET A 83 24.98 6.46 -16.48
CA MET A 83 24.49 5.11 -16.10
C MET A 83 23.16 4.86 -16.80
N MET A 84 22.20 5.76 -16.66
CA MET A 84 20.84 5.52 -17.17
C MET A 84 20.92 5.33 -18.69
N ASN A 85 21.67 6.16 -19.39
CA ASN A 85 21.71 6.08 -20.88
C ASN A 85 22.47 4.81 -21.29
N GLU A 86 23.57 4.45 -20.61
CA GLU A 86 24.37 3.24 -20.95
C GLU A 86 23.52 1.98 -20.73
N VAL A 87 22.81 1.91 -19.61
CA VAL A 87 21.91 0.77 -19.28
C VAL A 87 20.87 0.65 -20.38
N ALA A 88 20.25 1.76 -20.76
CA ALA A 88 19.17 1.76 -21.76
C ALA A 88 19.73 1.27 -23.11
N GLU A 89 20.96 1.67 -23.43
CA GLU A 89 21.60 1.36 -24.73
C GLU A 89 21.96 -0.13 -24.75
N LYS A 90 22.66 -0.57 -23.70
CA LYS A 90 23.14 -1.96 -23.55
C LYS A 90 21.98 -2.95 -23.44
N LEU A 91 20.92 -2.67 -22.65
CA LEU A 91 19.86 -3.67 -22.37
C LEU A 91 18.61 -3.33 -23.19
N GLY A 92 18.58 -2.19 -23.87
CA GLY A 92 17.49 -1.80 -24.79
C GLY A 92 16.30 -1.17 -24.10
N ARG A 93 16.27 -1.12 -22.76
CA ARG A 93 15.06 -0.67 -22.04
C ARG A 93 15.38 -0.49 -20.53
N ILE A 94 14.53 0.29 -19.84
CA ILE A 94 14.41 0.33 -18.35
C ILE A 94 12.93 0.25 -18.02
N ASP A 95 12.55 -0.67 -17.12
CA ASP A 95 11.13 -0.92 -16.78
C ASP A 95 10.81 -0.41 -15.37
N VAL A 96 11.78 -0.48 -14.45
CA VAL A 96 11.61 -0.20 -13.00
C VAL A 96 12.87 0.49 -12.49
N LEU A 97 12.68 1.59 -11.75
CA LEU A 97 13.74 2.23 -10.94
C LEU A 97 13.36 2.16 -9.46
N LEU A 98 14.25 1.58 -8.64
CA LEU A 98 14.14 1.61 -7.16
C LEU A 98 15.19 2.61 -6.69
N ASN A 99 14.74 3.81 -6.31
CA ASN A 99 15.60 4.85 -5.69
C ASN A 99 15.78 4.52 -4.22
N ASN A 100 16.69 3.60 -3.90
CA ASN A 100 16.82 3.00 -2.56
C ASN A 100 18.07 3.50 -1.82
N ALA A 101 19.14 3.88 -2.53
CA ALA A 101 20.41 4.33 -1.91
C ALA A 101 20.08 5.45 -0.94
N GLY A 102 20.69 5.38 0.22
CA GLY A 102 20.46 6.33 1.30
C GLY A 102 21.50 6.20 2.37
N VAL A 103 21.73 7.32 3.07
CA VAL A 103 22.57 7.38 4.29
C VAL A 103 21.77 8.05 5.41
N HIS A 104 22.16 7.73 6.65
CA HIS A 104 21.55 8.26 7.88
C HIS A 104 22.61 9.00 8.67
N VAL A 105 22.22 10.11 9.29
N VAL A 105 22.21 10.10 9.31
CA VAL A 105 23.03 10.80 10.33
CA VAL A 105 23.02 10.84 10.31
C VAL A 105 22.08 11.10 11.49
C VAL A 105 22.10 11.18 11.48
N ALA A 106 22.56 10.90 12.71
CA ALA A 106 21.75 11.13 13.91
C ALA A 106 22.13 12.50 14.46
N GLY A 107 21.13 13.26 14.88
CA GLY A 107 21.28 14.50 15.66
C GLY A 107 20.31 15.57 15.17
N SER A 108 20.08 16.55 16.04
CA SER A 108 19.38 17.81 15.74
C SER A 108 20.30 18.62 14.80
N VAL A 109 19.78 19.70 14.23
CA VAL A 109 20.61 20.62 13.39
C VAL A 109 21.74 21.21 14.24
N LEU A 110 21.60 21.23 15.55
CA LEU A 110 22.61 21.85 16.44
C LEU A 110 23.77 20.89 16.65
N GLU A 111 23.57 19.60 16.41
CA GLU A 111 24.56 18.57 16.71
C GLU A 111 25.10 17.97 15.41
N THR A 112 24.68 18.48 14.26
CA THR A 112 25.10 17.95 12.94
C THR A 112 25.57 19.14 12.11
N SER A 113 26.60 18.93 11.28
CA SER A 113 27.39 19.99 10.60
C SER A 113 26.80 20.28 9.22
N ILE A 114 27.26 21.36 8.59
CA ILE A 114 26.90 21.69 7.19
C ILE A 114 27.32 20.52 6.31
N ASP A 115 28.48 19.93 6.56
CA ASP A 115 28.97 18.79 5.76
C ASP A 115 28.01 17.60 5.95
N ASP A 116 27.55 17.36 7.17
CA ASP A 116 26.54 16.30 7.41
C ASP A 116 25.32 16.58 6.52
N TRP A 117 24.88 17.84 6.48
CA TRP A 117 23.70 18.21 5.66
C TRP A 117 23.97 17.86 4.19
N ARG A 118 25.12 18.28 3.66
CA ARG A 118 25.45 18.09 2.22
C ARG A 118 25.48 16.59 1.88
N ARG A 119 25.99 15.77 2.80
N ARG A 119 26.00 15.77 2.80
CA ARG A 119 26.04 14.30 2.60
CA ARG A 119 26.05 14.30 2.64
C ARG A 119 24.60 13.76 2.57
C ARG A 119 24.62 13.76 2.58
N ILE A 120 23.79 14.11 3.56
CA ILE A 120 22.37 13.65 3.63
C ILE A 120 21.66 14.11 2.36
N ALA A 121 21.75 15.39 2.04
CA ALA A 121 20.98 15.98 0.93
C ALA A 121 21.46 15.38 -0.41
N GLY A 122 22.77 15.31 -0.61
CA GLY A 122 23.36 14.75 -1.84
C GLY A 122 22.82 13.37 -2.17
N VAL A 123 22.85 12.46 -1.22
CA VAL A 123 22.44 11.05 -1.46
C VAL A 123 20.92 10.96 -1.42
N ASP A 124 20.30 11.42 -0.33
CA ASP A 124 18.90 11.08 0.03
C ASP A 124 17.92 11.93 -0.78
N ILE A 125 18.30 13.13 -1.21
CA ILE A 125 17.41 14.00 -2.05
C ILE A 125 17.94 13.98 -3.48
N ASP A 126 19.17 14.44 -3.68
CA ASP A 126 19.72 14.64 -5.05
C ASP A 126 19.70 13.31 -5.80
N GLY A 127 20.13 12.24 -5.14
CA GLY A 127 20.17 10.89 -5.75
C GLY A 127 18.82 10.53 -6.32
N VAL A 128 17.77 10.76 -5.54
CA VAL A 128 16.40 10.39 -5.96
C VAL A 128 15.99 11.31 -7.14
N VAL A 129 16.19 12.61 -7.01
CA VAL A 129 15.85 13.58 -8.09
C VAL A 129 16.59 13.16 -9.37
N PHE A 130 17.90 12.97 -9.32
CA PHE A 130 18.74 12.74 -10.54
C PHE A 130 18.39 11.39 -11.18
N CYS A 131 18.35 10.30 -10.39
CA CYS A 131 18.02 8.96 -10.94
C CYS A 131 16.63 9.01 -11.57
N SER A 132 15.66 9.66 -10.93
CA SER A 132 14.31 9.76 -11.50
C SER A 132 14.35 10.53 -12.83
N LYS A 133 15.02 11.67 -12.85
CA LYS A 133 15.06 12.59 -14.02
C LYS A 133 15.66 11.84 -15.24
N PHE A 134 16.77 11.14 -15.03
CA PHE A 134 17.53 10.52 -16.16
C PHE A 134 16.96 9.14 -16.52
N ALA A 135 16.25 8.45 -15.62
CA ALA A 135 15.59 7.18 -16.00
C ALA A 135 14.28 7.47 -16.74
N LEU A 136 13.62 8.60 -16.47
CA LEU A 136 12.20 8.79 -16.85
C LEU A 136 12.02 8.65 -18.37
N PRO A 137 12.90 9.23 -19.22
CA PRO A 137 12.68 9.12 -20.67
C PRO A 137 12.59 7.65 -21.13
N HIS A 138 13.38 6.79 -20.51
CA HIS A 138 13.41 5.32 -20.76
C HIS A 138 12.15 4.65 -20.20
N LEU A 139 11.75 5.02 -18.97
CA LEU A 139 10.51 4.46 -18.34
C LEU A 139 9.31 4.87 -19.19
N LEU A 140 9.31 6.06 -19.78
CA LEU A 140 8.14 6.49 -20.60
C LEU A 140 7.95 5.54 -21.78
N LYS A 141 9.05 5.04 -22.34
CA LYS A 141 9.02 4.13 -23.53
C LYS A 141 8.44 2.76 -23.12
N THR A 142 8.66 2.31 -21.88
CA THR A 142 8.18 0.98 -21.40
C THR A 142 6.89 1.10 -20.58
N LYS A 143 6.38 2.30 -20.33
CA LYS A 143 5.30 2.52 -19.34
C LYS A 143 5.72 1.82 -18.05
N GLY A 144 6.96 2.08 -17.66
CA GLY A 144 7.63 1.58 -16.44
C GLY A 144 7.16 2.33 -15.19
N CYS A 145 7.86 2.14 -14.09
CA CYS A 145 7.48 2.76 -12.81
C CYS A 145 8.71 3.08 -12.00
N ILE A 146 8.50 3.92 -10.99
CA ILE A 146 9.48 4.28 -9.94
C ILE A 146 8.91 3.84 -8.60
N VAL A 147 9.76 3.22 -7.79
CA VAL A 147 9.49 3.02 -6.35
C VAL A 147 10.66 3.67 -5.59
N ASN A 148 10.35 4.73 -4.87
CA ASN A 148 11.31 5.45 -4.02
C ASN A 148 11.34 4.73 -2.66
N THR A 149 12.52 4.54 -2.10
CA THR A 149 12.60 4.19 -0.67
C THR A 149 12.60 5.49 0.12
N ALA A 150 11.46 5.89 0.64
CA ALA A 150 11.39 7.05 1.56
C ALA A 150 11.63 6.51 2.97
N SER A 151 10.72 6.78 3.90
CA SER A 151 10.82 6.39 5.33
C SER A 151 9.57 6.90 6.01
N VAL A 152 9.16 6.33 7.14
CA VAL A 152 8.22 7.04 8.06
C VAL A 152 8.82 8.42 8.40
N SER A 153 10.16 8.54 8.43
CA SER A 153 10.91 9.78 8.71
C SER A 153 10.71 10.81 7.58
N GLY A 154 9.97 10.49 6.51
CA GLY A 154 9.55 11.49 5.53
C GLY A 154 8.08 11.84 5.67
N LEU A 155 7.31 11.05 6.42
CA LEU A 155 5.86 11.26 6.68
C LEU A 155 5.69 12.04 8.00
N GLY A 156 6.67 11.96 8.89
CA GLY A 156 6.68 12.72 10.13
C GLY A 156 8.10 12.91 10.59
N GLY A 157 8.26 13.61 11.69
CA GLY A 157 9.59 13.94 12.20
C GLY A 157 10.07 12.87 13.17
N ASP A 158 11.38 12.91 13.41
CA ASP A 158 12.09 12.15 14.47
C ASP A 158 12.67 13.14 15.47
N TRP A 159 12.83 12.69 16.72
CA TRP A 159 13.80 13.30 17.65
C TRP A 159 15.20 12.85 17.19
N GLY A 160 16.06 13.78 16.78
CA GLY A 160 17.49 13.47 16.60
C GLY A 160 17.81 12.94 15.22
N ALA A 161 17.13 13.42 14.15
CA ALA A 161 17.53 13.12 12.76
C ALA A 161 17.01 14.20 11.81
N ALA A 162 17.31 15.46 12.11
CA ALA A 162 16.65 16.61 11.44
C ALA A 162 16.94 16.61 9.93
N TYR A 163 18.20 16.50 9.54
CA TYR A 163 18.61 16.58 8.11
C TYR A 163 17.95 15.43 7.35
N TYR A 164 18.00 14.22 7.94
CA TYR A 164 17.41 12.99 7.38
C TYR A 164 15.91 13.18 7.15
N CYS A 165 15.21 13.75 8.14
CA CYS A 165 13.76 14.00 8.06
C CYS A 165 13.45 15.01 6.93
N ALA A 166 14.21 16.09 6.82
CA ALA A 166 14.06 17.05 5.69
C ALA A 166 14.20 16.31 4.37
N ALA A 167 15.25 15.49 4.22
CA ALA A 167 15.54 14.76 2.96
C ALA A 167 14.40 13.79 2.65
N LYS A 168 13.96 13.00 3.62
CA LYS A 168 12.90 12.01 3.36
C LYS A 168 11.58 12.74 3.12
N GLY A 169 11.34 13.88 3.76
CA GLY A 169 10.16 14.70 3.47
C GLY A 169 10.14 15.14 2.01
N ALA A 170 11.31 15.51 1.47
CA ALA A 170 11.47 15.85 0.05
C ALA A 170 11.07 14.66 -0.84
N VAL A 171 11.50 13.45 -0.49
CA VAL A 171 11.25 12.24 -1.30
C VAL A 171 9.76 11.94 -1.33
N VAL A 172 9.13 12.05 -0.17
CA VAL A 172 7.67 11.79 -0.06
C VAL A 172 6.89 12.75 -0.97
N ASN A 173 7.18 14.03 -0.95
CA ASN A 173 6.38 14.99 -1.74
C ASN A 173 6.86 15.00 -3.22
N LEU A 174 8.12 14.72 -3.51
CA LEU A 174 8.57 14.53 -4.91
C LEU A 174 7.80 13.34 -5.52
N THR A 175 7.60 12.27 -4.74
CA THR A 175 6.83 11.08 -5.18
C THR A 175 5.45 11.55 -5.66
N ARG A 176 4.80 12.37 -4.86
CA ARG A 176 3.43 12.85 -5.18
C ARG A 176 3.48 13.70 -6.47
N ALA A 177 4.38 14.66 -6.53
CA ALA A 177 4.41 15.66 -7.64
C ALA A 177 4.70 14.94 -8.96
N MET A 178 5.68 14.04 -8.94
CA MET A 178 6.09 13.32 -10.17
C MET A 178 4.97 12.36 -10.60
N ALA A 179 4.23 11.77 -9.65
CA ALA A 179 3.09 10.91 -9.98
C ALA A 179 2.03 11.74 -10.75
N LEU A 180 1.79 12.99 -10.34
CA LEU A 180 0.78 13.84 -11.03
C LEU A 180 1.33 14.15 -12.44
N ASP A 181 2.63 14.41 -12.56
CA ASP A 181 3.27 14.86 -13.83
C ASP A 181 3.26 13.71 -14.85
N HIS A 182 3.50 12.46 -14.43
CA HIS A 182 3.89 11.38 -15.37
C HIS A 182 2.91 10.22 -15.37
N GLY A 183 2.02 10.12 -14.38
CA GLY A 183 1.02 9.04 -14.32
C GLY A 183 0.20 8.95 -15.59
N GLY A 184 -0.24 10.11 -16.10
CA GLY A 184 -1.02 10.21 -17.35
C GLY A 184 -0.28 9.70 -18.59
N ASP A 185 1.05 9.69 -18.58
CA ASP A 185 1.92 9.22 -19.69
C ASP A 185 2.31 7.74 -19.42
N GLY A 186 1.68 7.10 -18.42
CA GLY A 186 1.78 5.66 -18.15
C GLY A 186 2.94 5.27 -17.24
N VAL A 187 3.53 6.22 -16.52
CA VAL A 187 4.63 5.92 -15.55
C VAL A 187 4.10 6.21 -14.14
N ARG A 188 3.84 5.16 -13.38
CA ARG A 188 3.40 5.26 -11.96
C ARG A 188 4.63 5.57 -11.10
N ILE A 189 4.47 6.44 -10.10
CA ILE A 189 5.55 6.77 -9.15
C ILE A 189 4.97 6.69 -7.74
N ASN A 190 5.62 5.89 -6.91
CA ASN A 190 5.17 5.57 -5.54
C ASN A 190 6.39 5.44 -4.65
N SER A 191 6.17 5.38 -3.34
CA SER A 191 7.26 5.11 -2.37
C SER A 191 6.83 4.02 -1.40
N VAL A 192 7.84 3.42 -0.80
CA VAL A 192 7.70 2.65 0.45
C VAL A 192 8.28 3.50 1.58
N CYS A 193 7.62 3.49 2.74
CA CYS A 193 8.01 4.28 3.92
C CYS A 193 8.19 3.32 5.09
N PRO A 194 9.35 2.64 5.18
CA PRO A 194 9.57 1.72 6.30
C PRO A 194 9.83 2.49 7.59
N SER A 195 9.53 1.86 8.72
N SER A 195 9.53 1.85 8.72
CA SER A 195 10.07 2.24 10.05
CA SER A 195 10.05 2.21 10.06
C SER A 195 11.35 1.40 10.25
C SER A 195 11.35 1.41 10.25
N LEU A 196 11.63 0.93 11.47
CA LEU A 196 12.89 0.20 11.73
C LEU A 196 12.98 -1.06 10.86
N VAL A 197 14.06 -1.20 10.10
CA VAL A 197 14.39 -2.41 9.30
C VAL A 197 15.77 -2.92 9.74
N LYS A 198 15.96 -4.23 9.78
CA LYS A 198 17.25 -4.85 10.20
C LYS A 198 18.29 -4.76 9.08
N THR A 199 19.03 -3.65 9.04
CA THR A 199 20.06 -3.38 8.01
C THR A 199 21.25 -2.70 8.68
N ASN A 200 22.33 -2.56 7.89
CA ASN A 200 23.54 -1.77 8.22
C ASN A 200 23.17 -0.35 8.68
N MET A 201 22.11 0.25 8.16
N MET A 201 22.10 0.27 8.15
CA MET A 201 21.72 1.64 8.54
CA MET A 201 21.71 1.65 8.54
C MET A 201 21.46 1.73 10.05
C MET A 201 21.46 1.72 10.06
N THR A 202 20.87 0.69 10.68
CA THR A 202 20.43 0.74 12.10
C THR A 202 21.14 -0.25 13.02
N ASN A 203 22.09 -1.03 12.53
CA ASN A 203 22.71 -2.12 13.34
C ASN A 203 23.61 -1.53 14.42
N GLY A 204 24.03 -0.27 14.33
CA GLY A 204 24.78 0.44 15.39
C GLY A 204 23.92 1.07 16.47
N TRP A 205 22.60 1.16 16.27
CA TRP A 205 21.68 1.86 17.21
C TRP A 205 21.53 1.06 18.50
N PRO A 206 21.65 1.71 19.67
CA PRO A 206 21.66 0.98 20.95
C PRO A 206 20.36 0.24 21.24
N GLN A 207 20.45 -0.79 22.09
N GLN A 207 20.46 -0.81 22.06
CA GLN A 207 19.30 -1.63 22.52
CA GLN A 207 19.32 -1.65 22.52
C GLN A 207 18.20 -0.73 23.09
C GLN A 207 18.21 -0.77 23.08
N GLU A 208 18.54 0.28 23.89
N GLU A 208 18.53 0.24 23.89
CA GLU A 208 17.57 1.24 24.52
CA GLU A 208 17.51 1.11 24.55
C GLU A 208 16.59 1.73 23.44
C GLU A 208 16.58 1.68 23.46
N ILE A 209 17.14 2.20 22.33
N ILE A 209 17.16 2.17 22.36
CA ILE A 209 16.40 2.80 21.19
CA ILE A 209 16.41 2.79 21.22
C ILE A 209 15.63 1.70 20.46
C ILE A 209 15.63 1.69 20.48
N ARG A 210 16.30 0.60 20.14
CA ARG A 210 15.72 -0.52 19.37
C ARG A 210 14.58 -1.18 20.14
N ASP A 211 14.71 -1.36 21.45
CA ASP A 211 13.64 -1.94 22.30
C ASP A 211 12.41 -1.02 22.28
N LYS A 212 12.59 0.29 22.28
CA LYS A 212 11.45 1.24 22.29
C LYS A 212 10.70 1.15 20.95
N PHE A 213 11.37 0.82 19.84
CA PHE A 213 10.71 0.60 18.53
C PHE A 213 9.70 -0.54 18.64
N ASN A 214 10.02 -1.58 19.44
CA ASN A 214 9.11 -2.75 19.62
C ASN A 214 7.85 -2.30 20.35
N GLU A 215 7.92 -1.23 21.11
CA GLU A 215 6.78 -0.60 21.82
C GLU A 215 6.02 0.27 20.81
N ARG A 216 6.73 1.06 20.00
CA ARG A 216 6.07 2.04 19.08
C ARG A 216 5.55 1.38 17.81
N ILE A 217 6.05 0.21 17.44
CA ILE A 217 5.59 -0.56 16.25
C ILE A 217 4.63 -1.66 16.75
N ALA A 218 3.36 -1.61 16.36
CA ALA A 218 2.33 -2.50 16.96
C ALA A 218 2.68 -3.99 16.72
N LEU A 219 3.35 -4.32 15.62
CA LEU A 219 3.75 -5.72 15.34
C LEU A 219 4.86 -6.18 16.31
N GLY A 220 5.56 -5.27 16.97
CA GLY A 220 6.39 -5.63 18.15
C GLY A 220 7.78 -6.12 17.77
N ARG A 221 8.25 -5.79 16.58
CA ARG A 221 9.54 -6.24 16.04
C ARG A 221 9.98 -5.27 14.94
N ALA A 222 11.26 -5.29 14.61
CA ALA A 222 11.83 -4.60 13.42
C ALA A 222 11.47 -5.41 12.19
N ALA A 223 11.35 -4.76 11.03
CA ALA A 223 11.05 -5.44 9.76
C ALA A 223 12.30 -6.17 9.29
N GLU A 224 12.10 -7.32 8.65
CA GLU A 224 13.15 -7.93 7.78
C GLU A 224 13.21 -7.14 6.48
N PRO A 225 14.40 -6.95 5.88
CA PRO A 225 14.49 -6.27 4.59
C PRO A 225 13.65 -6.90 3.47
N GLU A 226 13.46 -8.22 3.52
CA GLU A 226 12.63 -8.95 2.54
C GLU A 226 11.17 -8.46 2.60
N GLU A 227 10.71 -8.04 3.78
CA GLU A 227 9.30 -7.60 4.00
C GLU A 227 9.06 -6.25 3.30
N VAL A 228 10.09 -5.42 3.13
CA VAL A 228 9.96 -4.12 2.39
C VAL A 228 10.16 -4.42 0.90
N ALA A 229 11.15 -5.26 0.55
CA ALA A 229 11.37 -5.71 -0.84
C ALA A 229 10.07 -6.28 -1.44
N ALA A 230 9.30 -7.02 -0.64
CA ALA A 230 8.01 -7.60 -1.05
C ALA A 230 7.06 -6.51 -1.52
N VAL A 231 7.07 -5.35 -0.85
CA VAL A 231 6.12 -4.24 -1.15
C VAL A 231 6.66 -3.50 -2.38
N MET A 232 7.98 -3.36 -2.51
CA MET A 232 8.61 -2.77 -3.72
C MET A 232 8.18 -3.58 -4.97
N ALA A 233 8.26 -4.92 -4.88
CA ALA A 233 7.90 -5.80 -6.00
C ALA A 233 6.41 -5.59 -6.31
N PHE A 234 5.55 -5.60 -5.28
CA PHE A 234 4.10 -5.34 -5.44
C PHE A 234 3.88 -4.01 -6.18
N LEU A 235 4.52 -2.93 -5.74
CA LEU A 235 4.27 -1.57 -6.31
C LEU A 235 4.74 -1.51 -7.76
N ALA A 236 5.67 -2.37 -8.17
CA ALA A 236 6.16 -2.41 -9.57
C ALA A 236 5.27 -3.36 -10.41
N SER A 237 4.34 -4.09 -9.79
CA SER A 237 3.59 -5.18 -10.45
C SER A 237 2.30 -4.62 -11.06
N ASP A 238 1.64 -5.40 -11.91
CA ASP A 238 0.38 -5.02 -12.59
C ASP A 238 -0.74 -4.93 -11.54
N ASP A 239 -0.62 -5.61 -10.42
CA ASP A 239 -1.62 -5.55 -9.32
C ASP A 239 -1.67 -4.14 -8.73
N ALA A 240 -0.61 -3.35 -8.88
CA ALA A 240 -0.57 -1.96 -8.39
C ALA A 240 -0.93 -0.98 -9.52
N SER A 241 -1.63 -1.44 -10.57
CA SER A 241 -1.90 -0.64 -11.80
C SER A 241 -2.66 0.66 -11.48
N PHE A 242 -3.43 0.74 -10.41
CA PHE A 242 -4.15 1.99 -10.06
C PHE A 242 -3.59 2.66 -8.78
N ILE A 243 -2.41 2.26 -8.32
CA ILE A 243 -1.71 2.94 -7.20
C ILE A 243 -0.67 3.88 -7.80
N ASN A 244 -0.83 5.18 -7.54
CA ASN A 244 0.04 6.22 -8.13
C ASN A 244 0.11 7.39 -7.13
N GLY A 245 1.32 7.89 -6.91
CA GLY A 245 1.58 8.99 -5.97
C GLY A 245 1.41 8.59 -4.50
N ALA A 246 1.37 7.30 -4.19
CA ALA A 246 1.15 6.78 -2.82
C ALA A 246 2.50 6.63 -2.13
N ASN A 247 2.52 6.97 -0.84
CA ASN A 247 3.68 6.74 0.06
C ASN A 247 3.23 5.66 1.04
N ILE A 248 3.55 4.42 0.73
CA ILE A 248 2.98 3.24 1.44
C ILE A 248 3.79 2.99 2.70
N PRO A 249 3.17 3.12 3.89
CA PRO A 249 3.86 2.79 5.14
C PRO A 249 4.07 1.28 5.22
N VAL A 250 5.33 0.86 5.42
CA VAL A 250 5.70 -0.55 5.68
C VAL A 250 6.34 -0.56 7.08
N ASP A 251 5.52 -0.36 8.09
CA ASP A 251 5.96 0.18 9.40
C ASP A 251 5.28 -0.54 10.56
N GLY A 252 4.55 -1.61 10.29
CA GLY A 252 3.92 -2.43 11.34
C GLY A 252 2.97 -1.63 12.19
N GLY A 253 2.57 -0.43 11.73
CA GLY A 253 1.63 0.44 12.45
C GLY A 253 2.26 1.74 12.94
N ALA A 254 3.55 2.01 12.74
CA ALA A 254 4.23 3.18 13.38
C ALA A 254 3.45 4.48 13.10
N THR A 255 3.15 4.77 11.84
CA THR A 255 2.48 6.05 11.45
C THR A 255 0.96 5.99 11.66
N ALA A 256 0.38 4.83 11.94
CA ALA A 256 -1.07 4.72 12.22
C ALA A 256 -1.36 5.40 13.57
N SER A 257 -0.36 5.46 14.45
CA SER A 257 -0.50 6.09 15.79
C SER A 257 -0.56 7.64 15.69
N ASP A 258 -1.37 8.26 16.54
CA ASP A 258 -1.38 9.74 16.77
C ASP A 258 -0.20 10.23 17.62
N GLY A 259 0.73 9.35 18.03
CA GLY A 259 1.91 9.75 18.83
C GLY A 259 1.72 9.43 20.30
N ALA A 260 0.49 9.24 20.74
CA ALA A 260 0.14 8.99 22.16
C ALA A 260 0.79 7.66 22.54
N PRO A 261 1.26 7.52 23.80
CA PRO A 261 1.60 6.20 24.33
C PRO A 261 0.30 5.41 24.50
N LYS A 262 0.38 4.12 24.77
CA LYS A 262 -0.83 3.27 24.96
C LYS A 262 -1.74 3.88 26.02
N ILE A 263 -3.04 3.84 25.78
CA ILE A 263 -4.05 4.46 26.69
C ILE A 263 -4.30 3.51 27.87
N VAL A 264 -4.22 2.20 27.62
CA VAL A 264 -4.35 1.11 28.64
C VAL A 264 -3.14 0.19 28.50
N PHE B 12 0.52 -16.65 -8.26
CA PHE B 12 -0.60 -16.38 -7.29
C PHE B 12 -1.48 -17.62 -7.06
N GLN B 13 -1.36 -18.65 -7.92
CA GLN B 13 -2.05 -19.96 -7.80
C GLN B 13 -1.76 -20.50 -6.40
N GLY B 14 -2.80 -20.65 -5.59
CA GLY B 14 -2.72 -21.18 -4.22
C GLY B 14 -2.34 -20.15 -3.15
N ARG B 15 -2.19 -18.85 -3.46
CA ARG B 15 -1.83 -17.84 -2.41
C ARG B 15 -2.78 -17.92 -1.21
N PHE B 16 -4.07 -18.21 -1.40
CA PHE B 16 -5.08 -18.26 -0.30
C PHE B 16 -5.71 -19.67 -0.19
N ASP B 17 -4.94 -20.70 -0.52
CA ASP B 17 -5.43 -22.10 -0.54
C ASP B 17 -6.07 -22.43 0.81
N ASN B 18 -7.38 -22.71 0.78
CA ASN B 18 -8.21 -23.20 1.92
C ASN B 18 -8.37 -22.12 3.01
N LYS B 19 -7.97 -20.88 2.75
CA LYS B 19 -8.26 -19.75 3.67
C LYS B 19 -9.76 -19.41 3.54
N VAL B 20 -10.45 -19.20 4.64
CA VAL B 20 -11.84 -18.71 4.65
C VAL B 20 -11.81 -17.17 4.59
N VAL B 21 -12.43 -16.61 3.55
CA VAL B 21 -12.53 -15.15 3.29
C VAL B 21 -14.01 -14.73 3.36
N VAL B 22 -14.36 -13.96 4.38
CA VAL B 22 -15.72 -13.40 4.59
C VAL B 22 -15.72 -12.01 3.96
N ILE B 23 -16.60 -11.82 2.98
CA ILE B 23 -16.73 -10.57 2.20
C ILE B 23 -18.12 -9.99 2.43
N THR B 24 -18.21 -8.84 3.12
CA THR B 24 -19.50 -8.14 3.28
C THR B 24 -19.65 -7.26 2.05
N GLY B 25 -20.88 -6.90 1.69
CA GLY B 25 -21.12 -6.13 0.45
C GLY B 25 -20.59 -6.88 -0.77
N ALA B 26 -20.69 -8.20 -0.74
CA ALA B 26 -20.13 -9.12 -1.76
C ALA B 26 -20.88 -8.98 -3.10
N GLY B 27 -22.07 -8.37 -3.12
CA GLY B 27 -22.91 -8.28 -4.33
C GLY B 27 -22.66 -7.02 -5.16
N ASN B 28 -21.72 -6.17 -4.76
N ASN B 28 -21.70 -6.19 -4.80
CA ASN B 28 -21.38 -4.92 -5.51
CA ASN B 28 -21.37 -4.96 -5.56
C ASN B 28 -20.18 -5.22 -6.41
C ASN B 28 -20.10 -5.21 -6.36
N GLY B 29 -19.72 -4.26 -7.20
CA GLY B 29 -18.63 -4.46 -8.18
C GLY B 29 -17.38 -4.95 -7.50
N MET B 30 -16.92 -4.23 -6.48
CA MET B 30 -15.64 -4.53 -5.80
C MET B 30 -15.76 -5.88 -5.07
N GLY B 31 -16.92 -6.11 -4.44
CA GLY B 31 -17.22 -7.37 -3.74
C GLY B 31 -17.07 -8.57 -4.67
N GLU B 32 -17.71 -8.50 -5.84
CA GLU B 32 -17.69 -9.61 -6.84
C GLU B 32 -16.24 -9.80 -7.29
N ALA B 33 -15.54 -8.70 -7.59
CA ALA B 33 -14.14 -8.77 -8.06
C ALA B 33 -13.27 -9.40 -6.96
N ALA B 34 -13.48 -9.02 -5.70
CA ALA B 34 -12.74 -9.63 -4.56
C ALA B 34 -13.03 -11.12 -4.48
N ALA B 35 -14.30 -11.49 -4.53
CA ALA B 35 -14.72 -12.92 -4.47
C ALA B 35 -13.99 -13.72 -5.55
N ARG B 36 -13.95 -13.19 -6.76
CA ARG B 36 -13.37 -13.92 -7.91
C ARG B 36 -11.85 -14.04 -7.73
N ARG B 37 -11.21 -12.95 -7.27
CA ARG B 37 -9.73 -12.88 -7.14
C ARG B 37 -9.31 -13.86 -6.04
N PHE B 38 -9.96 -13.80 -4.88
CA PHE B 38 -9.62 -14.69 -3.75
C PHE B 38 -9.92 -16.14 -4.15
N SER B 39 -11.05 -16.37 -4.82
CA SER B 39 -11.46 -17.72 -5.29
C SER B 39 -10.41 -18.27 -6.26
N ALA B 40 -9.96 -17.50 -7.23
CA ALA B 40 -8.90 -17.91 -8.19
C ALA B 40 -7.65 -18.33 -7.45
N GLU B 41 -7.39 -17.79 -6.25
CA GLU B 41 -6.14 -18.05 -5.51
C GLU B 41 -6.39 -19.11 -4.43
N GLY B 42 -7.51 -19.81 -4.49
CA GLY B 42 -7.69 -21.02 -3.64
C GLY B 42 -8.56 -20.79 -2.42
N ALA B 43 -9.12 -19.60 -2.23
CA ALA B 43 -9.84 -19.27 -0.98
C ALA B 43 -11.23 -19.92 -1.02
N ILE B 44 -11.76 -20.26 0.16
N ILE B 44 -11.76 -20.17 0.17
CA ILE B 44 -13.21 -20.51 0.36
CA ILE B 44 -13.21 -20.45 0.44
C ILE B 44 -13.81 -19.15 0.67
C ILE B 44 -13.86 -19.11 0.73
N VAL B 45 -14.81 -18.69 -0.11
N VAL B 45 -14.73 -18.61 -0.16
CA VAL B 45 -15.34 -17.31 -0.01
CA VAL B 45 -15.35 -17.27 -0.03
C VAL B 45 -16.78 -17.35 0.49
C VAL B 45 -16.74 -17.43 0.58
N VAL B 46 -17.04 -16.61 1.57
CA VAL B 46 -18.41 -16.39 2.10
C VAL B 46 -18.86 -15.05 1.57
N LEU B 47 -19.87 -15.04 0.68
CA LEU B 47 -20.39 -13.81 0.05
C LEU B 47 -21.63 -13.34 0.83
N ALA B 48 -21.42 -12.35 1.71
CA ALA B 48 -22.41 -11.81 2.65
C ALA B 48 -22.92 -10.49 2.09
N ASP B 49 -24.24 -10.37 2.00
CA ASP B 49 -24.87 -9.13 1.48
C ASP B 49 -26.33 -9.13 1.93
N TRP B 50 -26.93 -7.96 1.93
CA TRP B 50 -28.38 -7.80 2.15
C TRP B 50 -29.09 -8.54 1.00
N ALA B 51 -28.76 -8.18 -0.24
CA ALA B 51 -29.43 -8.63 -1.46
C ALA B 51 -29.03 -10.07 -1.80
N LYS B 52 -29.94 -10.84 -2.40
CA LYS B 52 -29.74 -12.29 -2.62
C LYS B 52 -29.18 -12.57 -4.03
N GLU B 53 -29.73 -11.92 -5.06
N GLU B 53 -29.75 -11.96 -5.07
CA GLU B 53 -29.60 -12.40 -6.48
CA GLU B 53 -29.61 -12.42 -6.47
C GLU B 53 -28.13 -12.30 -6.88
C GLU B 53 -28.15 -12.30 -6.91
N ALA B 54 -27.51 -11.16 -6.62
CA ALA B 54 -26.13 -10.86 -7.08
C ALA B 54 -25.18 -11.88 -6.45
N VAL B 55 -25.21 -12.11 -5.13
CA VAL B 55 -24.24 -13.03 -4.44
C VAL B 55 -24.52 -14.50 -4.82
N ASP B 56 -25.79 -14.86 -5.03
CA ASP B 56 -26.16 -16.24 -5.46
C ASP B 56 -25.52 -16.52 -6.82
N LYS B 57 -25.61 -15.55 -7.73
CA LYS B 57 -25.12 -15.69 -9.13
C LYS B 57 -23.60 -15.84 -9.07
N VAL B 58 -22.93 -15.03 -8.24
CA VAL B 58 -21.44 -15.10 -8.13
C VAL B 58 -21.07 -16.46 -7.55
N ALA B 59 -21.66 -16.85 -6.42
CA ALA B 59 -21.36 -18.11 -5.71
C ALA B 59 -21.54 -19.30 -6.68
N ALA B 60 -22.60 -19.31 -7.47
CA ALA B 60 -22.91 -20.43 -8.39
C ALA B 60 -21.87 -20.49 -9.53
N SER B 61 -21.17 -19.39 -9.80
CA SER B 61 -20.14 -19.30 -10.89
C SER B 61 -18.80 -19.86 -10.39
N LEU B 62 -18.65 -20.05 -9.07
CA LEU B 62 -17.35 -20.37 -8.45
C LEU B 62 -17.34 -21.85 -8.14
N PRO B 63 -16.14 -22.46 -7.92
CA PRO B 63 -16.02 -23.90 -7.73
C PRO B 63 -16.96 -24.42 -6.63
N LYS B 64 -17.62 -25.55 -6.91
CA LYS B 64 -18.63 -26.12 -5.99
C LYS B 64 -17.93 -26.42 -4.65
N GLY B 65 -18.61 -26.20 -3.55
CA GLY B 65 -18.05 -26.33 -2.19
C GLY B 65 -17.05 -25.25 -1.80
N ARG B 66 -16.70 -24.28 -2.68
CA ARG B 66 -15.67 -23.25 -2.37
C ARG B 66 -16.27 -21.83 -2.27
N ALA B 67 -17.60 -21.70 -2.29
CA ALA B 67 -18.30 -20.40 -2.23
C ALA B 67 -19.69 -20.61 -1.64
N MET B 68 -20.11 -19.75 -0.71
CA MET B 68 -21.46 -19.79 -0.11
C MET B 68 -21.93 -18.36 0.09
N ALA B 69 -23.21 -18.13 -0.20
CA ALA B 69 -23.87 -16.80 -0.09
C ALA B 69 -24.65 -16.77 1.22
N VAL B 70 -24.63 -15.62 1.89
CA VAL B 70 -25.46 -15.41 3.11
C VAL B 70 -26.12 -14.04 3.01
N HIS B 71 -27.28 -13.94 3.64
CA HIS B 71 -27.98 -12.67 3.91
C HIS B 71 -27.41 -12.10 5.21
N ILE B 72 -27.09 -10.82 5.20
CA ILE B 72 -26.76 -10.10 6.45
C ILE B 72 -27.16 -8.65 6.30
N ASP B 73 -27.60 -8.07 7.40
CA ASP B 73 -27.66 -6.61 7.65
C ASP B 73 -26.47 -6.30 8.55
N VAL B 74 -25.42 -5.73 7.99
CA VAL B 74 -24.14 -5.48 8.76
C VAL B 74 -24.41 -4.43 9.85
N SER B 75 -25.48 -3.63 9.74
CA SER B 75 -25.84 -2.61 10.75
C SER B 75 -26.47 -3.27 12.00
N ASP B 76 -26.72 -4.57 11.99
CA ASP B 76 -27.41 -5.32 13.08
C ASP B 76 -26.38 -6.17 13.84
N HIS B 77 -25.97 -5.73 15.03
CA HIS B 77 -24.86 -6.37 15.78
C HIS B 77 -25.26 -7.81 16.15
N VAL B 78 -26.52 -8.04 16.49
CA VAL B 78 -26.97 -9.40 16.91
C VAL B 78 -26.82 -10.36 15.72
N ALA B 79 -27.30 -9.95 14.55
CA ALA B 79 -27.22 -10.77 13.31
C ALA B 79 -25.75 -10.97 12.95
N VAL B 80 -24.91 -9.94 13.06
CA VAL B 80 -23.48 -10.03 12.62
C VAL B 80 -22.74 -11.00 13.55
N GLU B 81 -22.97 -10.94 14.85
CA GLU B 81 -22.28 -11.87 15.79
C GLU B 81 -22.62 -13.31 15.38
N LYS B 82 -23.89 -13.57 15.09
CA LYS B 82 -24.42 -14.92 14.75
C LYS B 82 -23.75 -15.40 13.45
N MET B 83 -23.74 -14.57 12.41
CA MET B 83 -23.10 -14.89 11.12
C MET B 83 -21.65 -15.29 11.36
N MET B 84 -20.88 -14.48 12.08
CA MET B 84 -19.43 -14.75 12.26
C MET B 84 -19.26 -16.09 12.98
N ASN B 85 -20.04 -16.36 14.02
CA ASN B 85 -19.86 -17.60 14.81
C ASN B 85 -20.30 -18.80 13.94
N GLU B 86 -21.39 -18.70 13.17
CA GLU B 86 -21.90 -19.80 12.31
C GLU B 86 -20.86 -20.11 11.21
N VAL B 87 -20.30 -19.09 10.58
CA VAL B 87 -19.25 -19.27 9.53
C VAL B 87 -18.07 -20.02 10.16
N ALA B 88 -17.64 -19.59 11.34
CA ALA B 88 -16.47 -20.20 12.01
C ALA B 88 -16.80 -21.67 12.35
N GLU B 89 -18.04 -21.94 12.74
CA GLU B 89 -18.47 -23.29 13.17
C GLU B 89 -18.54 -24.21 11.95
N LYS B 90 -19.22 -23.74 10.91
CA LYS B 90 -19.43 -24.47 9.63
C LYS B 90 -18.10 -24.71 8.91
N LEU B 91 -17.22 -23.73 8.79
CA LEU B 91 -15.98 -23.85 7.96
C LEU B 91 -14.76 -24.11 8.85
N GLY B 92 -14.90 -24.00 10.18
CA GLY B 92 -13.82 -24.32 11.13
C GLY B 92 -12.86 -23.15 11.39
N ARG B 93 -12.97 -22.05 10.63
CA ARG B 93 -11.99 -20.96 10.68
C ARG B 93 -12.50 -19.74 9.90
N ILE B 94 -11.94 -18.57 10.22
CA ILE B 94 -11.98 -17.33 9.39
C ILE B 94 -10.55 -16.79 9.31
N ASP B 95 -10.09 -16.51 8.09
CA ASP B 95 -8.69 -16.07 7.83
C ASP B 95 -8.68 -14.59 7.44
N VAL B 96 -9.70 -14.13 6.71
CA VAL B 96 -9.76 -12.77 6.12
C VAL B 96 -11.18 -12.23 6.22
N LEU B 97 -11.31 -10.99 6.69
CA LEU B 97 -12.56 -10.20 6.62
C LEU B 97 -12.35 -9.02 5.67
N LEU B 98 -13.15 -8.95 4.62
CA LEU B 98 -13.23 -7.76 3.74
C LEU B 98 -14.52 -7.03 4.09
N ASN B 99 -14.41 -5.87 4.76
CA ASN B 99 -15.56 -5.03 5.14
C ASN B 99 -15.91 -4.15 3.96
N ASN B 100 -16.67 -4.68 2.99
CA ASN B 100 -16.89 -4.02 1.68
C ASN B 100 -18.34 -3.51 1.55
N ALA B 101 -19.22 -3.74 2.54
CA ALA B 101 -20.57 -3.14 2.55
C ALA B 101 -20.43 -1.61 2.46
N GLY B 102 -21.37 -0.94 1.82
CA GLY B 102 -21.38 0.53 1.69
C GLY B 102 -22.76 1.06 1.35
N VAL B 103 -23.10 2.23 1.87
N VAL B 103 -23.04 2.27 1.81
CA VAL B 103 -24.16 3.11 1.31
CA VAL B 103 -24.16 3.14 1.35
C VAL B 103 -23.54 4.50 1.09
C VAL B 103 -23.63 4.55 1.17
N HIS B 104 -24.01 5.19 0.07
CA HIS B 104 -23.71 6.60 -0.24
C HIS B 104 -25.03 7.37 -0.28
N VAL B 105 -25.02 8.61 0.17
CA VAL B 105 -26.12 9.59 -0.04
C VAL B 105 -25.44 10.91 -0.38
N ALA B 106 -25.91 11.62 -1.40
CA ALA B 106 -25.32 12.89 -1.84
C ALA B 106 -25.96 14.05 -1.05
N GLY B 107 -25.14 15.04 -0.70
CA GLY B 107 -25.64 16.32 -0.17
C GLY B 107 -24.81 16.83 0.99
N SER B 108 -24.85 18.13 1.23
CA SER B 108 -24.36 18.78 2.47
C SER B 108 -25.27 18.32 3.62
N VAL B 109 -24.91 18.60 4.87
CA VAL B 109 -25.81 18.30 6.04
C VAL B 109 -27.12 19.08 5.88
N LEU B 110 -27.16 20.17 5.10
CA LEU B 110 -28.42 20.96 4.91
C LEU B 110 -29.35 20.26 3.92
N GLU B 111 -28.81 19.40 3.07
CA GLU B 111 -29.57 18.72 1.98
C GLU B 111 -29.86 17.27 2.38
N THR B 112 -29.42 16.80 3.55
CA THR B 112 -29.51 15.38 3.94
C THR B 112 -30.09 15.31 5.34
N SER B 113 -30.93 14.31 5.59
CA SER B 113 -31.81 14.19 6.78
C SER B 113 -31.12 13.39 7.88
N ILE B 114 -31.73 13.35 9.06
CA ILE B 114 -31.34 12.45 10.18
C ILE B 114 -31.36 11.02 9.65
N ASP B 115 -32.39 10.67 8.86
CA ASP B 115 -32.52 9.30 8.31
C ASP B 115 -31.33 9.03 7.41
N ASP B 116 -30.96 9.99 6.57
CA ASP B 116 -29.78 9.81 5.69
C ASP B 116 -28.55 9.54 6.57
N TRP B 117 -28.40 10.26 7.68
CA TRP B 117 -27.26 10.07 8.60
C TRP B 117 -27.28 8.63 9.15
N ARG B 118 -28.42 8.18 9.65
CA ARG B 118 -28.58 6.83 10.28
C ARG B 118 -28.28 5.74 9.26
N ARG B 119 -28.66 5.93 8.00
N ARG B 119 -28.70 5.92 8.01
CA ARG B 119 -28.37 4.97 6.89
CA ARG B 119 -28.50 4.93 6.92
C ARG B 119 -26.85 4.90 6.70
C ARG B 119 -27.01 4.76 6.64
N ILE B 120 -26.21 6.07 6.49
N ILE B 120 -26.28 5.87 6.53
CA ILE B 120 -24.75 6.15 6.25
CA ILE B 120 -24.83 5.87 6.21
C ILE B 120 -24.03 5.50 7.44
C ILE B 120 -24.07 5.41 7.46
N ALA B 121 -24.39 5.92 8.65
CA ALA B 121 -23.70 5.52 9.89
C ALA B 121 -23.87 4.02 10.13
N GLY B 122 -25.11 3.52 10.05
CA GLY B 122 -25.43 2.11 10.32
C GLY B 122 -24.56 1.19 9.45
N VAL B 123 -24.50 1.42 8.16
CA VAL B 123 -23.80 0.46 7.27
C VAL B 123 -22.31 0.79 7.25
N ASP B 124 -21.94 2.06 7.00
CA ASP B 124 -20.54 2.46 6.68
C ASP B 124 -19.68 2.47 7.95
N ILE B 125 -20.25 2.75 9.12
CA ILE B 125 -19.47 2.78 10.38
C ILE B 125 -19.80 1.54 11.18
N ASP B 126 -21.08 1.37 11.59
CA ASP B 126 -21.48 0.29 12.50
C ASP B 126 -21.12 -1.06 11.88
N GLY B 127 -21.31 -1.22 10.57
CA GLY B 127 -20.97 -2.48 9.90
C GLY B 127 -19.51 -2.83 10.08
N VAL B 128 -18.61 -1.86 9.89
CA VAL B 128 -17.16 -2.13 10.08
C VAL B 128 -16.89 -2.45 11.56
N VAL B 129 -17.45 -1.66 12.50
CA VAL B 129 -17.24 -1.92 13.95
C VAL B 129 -17.71 -3.36 14.26
N PHE B 130 -18.95 -3.70 13.90
CA PHE B 130 -19.60 -4.97 14.33
C PHE B 130 -18.91 -6.18 13.69
N CYS B 131 -18.72 -6.15 12.36
CA CYS B 131 -18.08 -7.28 11.65
C CYS B 131 -16.66 -7.48 12.20
N SER B 132 -15.93 -6.40 12.45
CA SER B 132 -14.53 -6.54 12.95
C SER B 132 -14.56 -7.11 14.37
N LYS B 133 -15.43 -6.62 15.24
CA LYS B 133 -15.47 -7.04 16.67
C LYS B 133 -15.78 -8.55 16.74
N PHE B 134 -16.73 -9.02 15.94
CA PHE B 134 -17.24 -10.42 16.02
C PHE B 134 -16.42 -11.40 15.18
N ALA B 135 -15.71 -10.92 14.16
CA ALA B 135 -14.77 -11.77 13.41
C ALA B 135 -13.46 -11.93 14.18
N LEU B 136 -13.05 -10.94 14.97
CA LEU B 136 -11.66 -10.87 15.51
C LEU B 136 -11.34 -12.13 16.31
N PRO B 137 -12.22 -12.66 17.19
CA PRO B 137 -11.86 -13.85 17.97
C PRO B 137 -11.41 -15.01 17.07
N HIS B 138 -12.05 -15.15 15.91
CA HIS B 138 -11.76 -16.19 14.88
C HIS B 138 -10.44 -15.85 14.17
N LEU B 139 -10.28 -14.58 13.78
CA LEU B 139 -9.05 -14.10 13.10
C LEU B 139 -7.84 -14.31 14.02
N LEU B 140 -8.01 -14.11 15.32
CA LEU B 140 -6.89 -14.23 16.28
C LEU B 140 -6.38 -15.67 16.25
N LYS B 141 -7.27 -16.64 16.06
CA LYS B 141 -6.92 -18.08 16.08
C LYS B 141 -6.10 -18.41 14.83
N THR B 142 -6.35 -17.76 13.70
CA THR B 142 -5.67 -18.05 12.40
C THR B 142 -4.53 -17.06 12.12
N LYS B 143 -4.32 -16.04 12.97
CA LYS B 143 -3.44 -14.89 12.61
C LYS B 143 -3.84 -14.39 11.22
N GLY B 144 -5.14 -14.20 11.04
CA GLY B 144 -5.73 -13.62 9.82
C GLY B 144 -5.65 -12.11 9.82
N CYS B 145 -6.41 -11.47 8.93
CA CYS B 145 -6.35 -10.02 8.75
C CYS B 145 -7.73 -9.48 8.40
N ILE B 146 -7.87 -8.16 8.47
CA ILE B 146 -9.03 -7.37 8.01
C ILE B 146 -8.53 -6.42 6.92
N VAL B 147 -9.31 -6.31 5.85
CA VAL B 147 -9.18 -5.22 4.86
C VAL B 147 -10.53 -4.50 4.80
N ASN B 148 -10.53 -3.25 5.24
CA ASN B 148 -11.72 -2.36 5.18
C ASN B 148 -11.77 -1.74 3.81
N THR B 149 -12.96 -1.66 3.23
CA THR B 149 -13.15 -0.77 2.06
C THR B 149 -13.50 0.61 2.61
N ALA B 150 -12.53 1.50 2.71
CA ALA B 150 -12.76 2.89 3.10
C ALA B 150 -13.03 3.64 1.79
N SER B 151 -12.33 4.74 1.52
CA SER B 151 -12.53 5.60 0.33
C SER B 151 -11.53 6.72 0.42
N VAL B 152 -11.16 7.34 -0.71
CA VAL B 152 -10.52 8.70 -0.67
C VAL B 152 -11.40 9.67 0.13
N SER B 153 -12.72 9.44 0.14
CA SER B 153 -13.71 10.25 0.89
C SER B 153 -13.57 10.08 2.40
N GLY B 154 -12.72 9.15 2.86
CA GLY B 154 -12.36 9.04 4.28
C GLY B 154 -11.02 9.66 4.58
N LEU B 155 -10.21 9.96 3.55
CA LEU B 155 -8.86 10.57 3.71
C LEU B 155 -8.95 12.08 3.58
N GLY B 156 -9.97 12.56 2.86
CA GLY B 156 -10.19 14.00 2.68
C GLY B 156 -11.67 14.25 2.50
N GLY B 157 -12.08 15.52 2.40
CA GLY B 157 -13.49 15.87 2.21
C GLY B 157 -13.87 15.85 0.74
N ASP B 158 -15.18 15.73 0.51
CA ASP B 158 -15.86 16.00 -0.78
C ASP B 158 -16.76 17.23 -0.61
N TRP B 159 -17.03 17.92 -1.70
CA TRP B 159 -18.25 18.76 -1.86
C TRP B 159 -19.47 17.85 -1.98
N GLY B 160 -20.48 18.02 -1.13
CA GLY B 160 -21.83 17.43 -1.31
C GLY B 160 -21.90 15.97 -0.92
N ALA B 161 -21.18 15.56 0.13
CA ALA B 161 -21.30 14.19 0.71
C ALA B 161 -20.83 14.20 2.19
N ALA B 162 -21.42 15.08 3.00
CA ALA B 162 -20.87 15.40 4.34
C ALA B 162 -20.94 14.16 5.25
N TYR B 163 -22.12 13.56 5.38
CA TYR B 163 -22.31 12.35 6.22
C TYR B 163 -21.40 11.22 5.74
N TYR B 164 -21.30 11.01 4.44
CA TYR B 164 -20.48 9.94 3.82
C TYR B 164 -19.01 10.14 4.21
N CYS B 165 -18.52 11.37 4.10
CA CYS B 165 -17.14 11.74 4.48
C CYS B 165 -16.89 11.51 5.98
N ALA B 166 -17.82 11.89 6.85
CA ALA B 166 -17.75 11.58 8.29
C ALA B 166 -17.60 10.08 8.49
N ALA B 167 -18.43 9.28 7.83
CA ALA B 167 -18.47 7.81 8.05
C ALA B 167 -17.16 7.21 7.54
N LYS B 168 -16.73 7.57 6.33
CA LYS B 168 -15.47 7.02 5.79
C LYS B 168 -14.27 7.54 6.61
N GLY B 169 -14.35 8.75 7.16
CA GLY B 169 -13.31 9.24 8.08
C GLY B 169 -13.19 8.35 9.31
N ALA B 170 -14.34 7.90 9.84
CA ALA B 170 -14.42 6.96 10.97
C ALA B 170 -13.74 5.64 10.62
N VAL B 171 -13.97 5.12 9.41
CA VAL B 171 -13.41 3.79 9.00
C VAL B 171 -11.89 3.91 8.91
N VAL B 172 -11.41 4.99 8.31
CA VAL B 172 -9.96 5.22 8.11
C VAL B 172 -9.27 5.23 9.49
N ASN B 173 -9.81 5.95 10.47
CA ASN B 173 -9.14 6.08 11.79
C ASN B 173 -9.40 4.84 12.62
N LEU B 174 -10.56 4.18 12.50
CA LEU B 174 -10.81 2.90 13.20
C LEU B 174 -9.81 1.85 12.69
N THR B 175 -9.49 1.86 11.38
CA THR B 175 -8.49 0.95 10.79
C THR B 175 -7.16 1.15 11.55
N ARG B 176 -6.75 2.39 11.74
CA ARG B 176 -5.51 2.72 12.51
C ARG B 176 -5.60 2.16 13.94
N ALA B 177 -6.64 2.50 14.67
CA ALA B 177 -6.76 2.20 16.11
C ALA B 177 -6.77 0.67 16.31
N MET B 178 -7.56 -0.04 15.52
CA MET B 178 -7.67 -1.51 15.61
C MET B 178 -6.35 -2.18 15.22
N ALA B 179 -5.63 -1.62 14.25
CA ALA B 179 -4.31 -2.16 13.86
C ALA B 179 -3.36 -2.11 15.06
N LEU B 180 -3.38 -1.04 15.85
CA LEU B 180 -2.54 -0.88 17.04
C LEU B 180 -2.97 -1.91 18.09
N ASP B 181 -4.29 -2.10 18.25
CA ASP B 181 -4.87 -2.99 19.28
C ASP B 181 -4.52 -4.45 18.98
N HIS B 182 -4.50 -4.88 17.71
CA HIS B 182 -4.55 -6.32 17.38
C HIS B 182 -3.33 -6.79 16.58
N GLY B 183 -2.57 -5.90 15.97
CA GLY B 183 -1.45 -6.28 15.08
C GLY B 183 -0.42 -7.11 15.83
N GLY B 184 -0.11 -6.73 17.06
CA GLY B 184 0.84 -7.44 17.93
C GLY B 184 0.36 -8.84 18.33
N ASP B 185 -0.96 -9.12 18.27
CA ASP B 185 -1.57 -10.46 18.54
C ASP B 185 -1.74 -11.22 17.22
N GLY B 186 -1.18 -10.70 16.12
CA GLY B 186 -1.05 -11.38 14.83
C GLY B 186 -2.22 -11.13 13.89
N VAL B 187 -3.08 -10.15 14.14
CA VAL B 187 -4.14 -9.76 13.17
C VAL B 187 -3.80 -8.36 12.62
N ARG B 188 -3.35 -8.29 11.37
CA ARG B 188 -3.08 -7.02 10.67
C ARG B 188 -4.42 -6.41 10.23
N ILE B 189 -4.56 -5.09 10.31
CA ILE B 189 -5.81 -4.39 9.90
C ILE B 189 -5.40 -3.22 9.02
N ASN B 190 -5.95 -3.19 7.81
CA ASN B 190 -5.61 -2.18 6.78
C ASN B 190 -6.88 -1.83 6.03
N SER B 191 -6.81 -0.79 5.19
CA SER B 191 -7.92 -0.41 4.31
C SER B 191 -7.36 -0.18 2.91
N VAL B 192 -8.27 -0.30 1.96
CA VAL B 192 -8.13 0.31 0.63
C VAL B 192 -9.01 1.57 0.58
N CYS B 193 -8.51 2.62 -0.06
CA CYS B 193 -9.20 3.92 -0.20
C CYS B 193 -9.34 4.22 -1.69
N PRO B 194 -10.32 3.61 -2.38
CA PRO B 194 -10.50 3.87 -3.81
C PRO B 194 -11.11 5.27 -4.04
N SER B 195 -10.83 5.82 -5.22
CA SER B 195 -11.57 6.97 -5.82
C SER B 195 -12.78 6.42 -6.58
N LEU B 196 -13.17 7.12 -7.64
CA LEU B 196 -14.05 6.66 -8.76
C LEU B 196 -13.74 5.21 -9.14
N VAL B 197 -14.72 4.33 -8.97
CA VAL B 197 -14.66 2.94 -9.49
C VAL B 197 -15.69 2.80 -10.63
N LYS B 198 -15.26 2.29 -11.77
CA LYS B 198 -16.14 1.98 -12.92
C LYS B 198 -17.23 1.05 -12.43
N THR B 199 -18.45 1.59 -12.40
CA THR B 199 -19.71 0.85 -12.14
C THR B 199 -20.77 1.25 -13.18
N ASN B 200 -21.94 0.62 -13.13
CA ASN B 200 -23.14 1.02 -13.93
C ASN B 200 -23.50 2.50 -13.67
N MET B 201 -23.29 3.00 -12.45
CA MET B 201 -23.62 4.41 -12.10
C MET B 201 -22.71 5.35 -12.91
N THR B 202 -21.43 5.00 -13.07
CA THR B 202 -20.38 5.88 -13.66
C THR B 202 -20.39 5.74 -15.20
N ASN B 203 -20.73 4.54 -15.69
CA ASN B 203 -20.98 4.26 -17.12
C ASN B 203 -22.14 5.12 -17.65
N GLY B 204 -23.09 5.46 -16.77
CA GLY B 204 -24.28 6.26 -17.12
C GLY B 204 -24.05 7.76 -17.03
N TRP B 205 -22.90 8.21 -16.52
CA TRP B 205 -22.57 9.66 -16.38
C TRP B 205 -22.33 10.28 -17.75
N PRO B 206 -22.86 11.51 -18.00
CA PRO B 206 -22.44 12.31 -19.15
C PRO B 206 -20.93 12.56 -19.22
N GLN B 207 -20.43 12.80 -20.44
CA GLN B 207 -18.99 13.03 -20.71
C GLN B 207 -18.48 14.21 -19.86
N GLU B 208 -19.27 15.29 -19.74
CA GLU B 208 -18.88 16.53 -19.02
C GLU B 208 -18.53 16.15 -17.57
N ILE B 209 -19.33 15.28 -16.95
CA ILE B 209 -19.12 14.83 -15.54
C ILE B 209 -17.89 13.92 -15.48
N ARG B 210 -17.81 12.94 -16.39
CA ARG B 210 -16.72 11.93 -16.40
C ARG B 210 -15.38 12.61 -16.68
N ASP B 211 -15.34 13.59 -17.59
CA ASP B 211 -14.11 14.37 -17.91
C ASP B 211 -13.62 15.14 -16.67
N LYS B 212 -14.53 15.67 -15.84
CA LYS B 212 -14.15 16.42 -14.62
C LYS B 212 -13.45 15.48 -13.64
N PHE B 213 -13.94 14.23 -13.52
CA PHE B 213 -13.32 13.24 -12.59
C PHE B 213 -11.94 12.85 -13.11
N ASN B 214 -11.83 12.59 -14.42
CA ASN B 214 -10.61 12.04 -15.05
C ASN B 214 -9.50 13.07 -14.99
N GLU B 215 -9.85 14.36 -14.97
CA GLU B 215 -8.88 15.47 -14.95
C GLU B 215 -8.18 15.48 -13.59
N ARG B 216 -8.90 15.13 -12.52
CA ARG B 216 -8.36 15.18 -11.13
C ARG B 216 -7.45 13.96 -10.87
N ILE B 217 -7.58 12.89 -11.65
CA ILE B 217 -6.86 11.61 -11.46
C ILE B 217 -5.72 11.56 -12.48
N ALA B 218 -4.46 11.51 -12.06
CA ALA B 218 -3.32 11.60 -13.00
C ALA B 218 -3.38 10.45 -14.01
N LEU B 219 -3.89 9.27 -13.63
CA LEU B 219 -3.95 8.12 -14.57
C LEU B 219 -5.04 8.36 -15.62
N GLY B 220 -5.95 9.30 -15.42
CA GLY B 220 -6.86 9.78 -16.48
C GLY B 220 -8.07 8.88 -16.70
N ARG B 221 -8.40 8.03 -15.73
CA ARG B 221 -9.51 7.05 -15.84
C ARG B 221 -9.96 6.65 -14.45
N ALA B 222 -11.16 6.07 -14.38
CA ALA B 222 -11.76 5.36 -13.25
C ALA B 222 -11.00 4.07 -13.01
N ALA B 223 -10.95 3.61 -11.77
CA ALA B 223 -10.38 2.29 -11.42
C ALA B 223 -11.36 1.23 -11.89
N GLU B 224 -10.87 0.13 -12.45
CA GLU B 224 -11.65 -1.13 -12.57
C GLU B 224 -11.78 -1.72 -11.16
N PRO B 225 -12.92 -2.35 -10.82
CA PRO B 225 -13.03 -3.04 -9.53
C PRO B 225 -11.96 -4.11 -9.30
N GLU B 226 -11.44 -4.75 -10.37
CA GLU B 226 -10.37 -5.76 -10.26
C GLU B 226 -9.10 -5.11 -9.68
N GLU B 227 -8.88 -3.83 -10.01
CA GLU B 227 -7.66 -3.08 -9.61
C GLU B 227 -7.70 -2.81 -8.10
N VAL B 228 -8.89 -2.72 -7.51
CA VAL B 228 -9.08 -2.51 -6.04
C VAL B 228 -8.97 -3.87 -5.36
N ALA B 229 -9.65 -4.87 -5.92
CA ALA B 229 -9.59 -6.27 -5.45
C ALA B 229 -8.13 -6.76 -5.39
N ALA B 230 -7.31 -6.40 -6.38
CA ALA B 230 -5.88 -6.77 -6.44
C ALA B 230 -5.15 -6.27 -5.19
N VAL B 231 -5.50 -5.08 -4.70
CA VAL B 231 -4.83 -4.44 -3.54
C VAL B 231 -5.34 -5.11 -2.26
N MET B 232 -6.63 -5.46 -2.22
CA MET B 232 -7.20 -6.24 -1.09
C MET B 232 -6.46 -7.57 -0.96
N ALA B 233 -6.26 -8.27 -2.08
CA ALA B 233 -5.59 -9.59 -2.08
C ALA B 233 -4.15 -9.39 -1.58
N PHE B 234 -3.44 -8.39 -2.09
CA PHE B 234 -2.06 -8.06 -1.62
C PHE B 234 -2.06 -7.83 -0.09
N LEU B 235 -2.97 -7.00 0.42
CA LEU B 235 -2.97 -6.62 1.85
C LEU B 235 -3.26 -7.86 2.71
N ALA B 236 -3.91 -8.89 2.17
CA ALA B 236 -4.22 -10.12 2.93
C ALA B 236 -3.08 -11.13 2.78
N SER B 237 -2.10 -10.87 1.92
CA SER B 237 -1.02 -11.83 1.55
C SER B 237 0.15 -11.73 2.52
N ASP B 238 1.02 -12.74 2.54
CA ASP B 238 2.24 -12.77 3.40
C ASP B 238 3.22 -11.68 2.96
N ASP B 239 3.15 -11.24 1.71
CA ASP B 239 3.99 -10.14 1.19
C ASP B 239 3.66 -8.84 1.92
N ALA B 240 2.47 -8.71 2.52
CA ALA B 240 2.08 -7.50 3.27
C ALA B 240 2.32 -7.72 4.78
N SER B 241 3.20 -8.64 5.15
CA SER B 241 3.44 -9.03 6.58
C SER B 241 3.81 -7.83 7.47
N PHE B 242 4.38 -6.75 6.91
CA PHE B 242 4.77 -5.59 7.74
C PHE B 242 3.89 -4.37 7.48
N ILE B 243 2.78 -4.55 6.77
CA ILE B 243 1.81 -3.45 6.52
C ILE B 243 0.65 -3.64 7.49
N ASN B 244 0.49 -2.67 8.36
CA ASN B 244 -0.49 -2.70 9.47
C ASN B 244 -0.92 -1.25 9.72
N GLY B 245 -2.22 -1.03 9.84
CA GLY B 245 -2.79 0.30 10.11
C GLY B 245 -2.73 1.23 8.90
N ALA B 246 -2.47 0.71 7.71
CA ALA B 246 -2.30 1.52 6.49
C ALA B 246 -3.66 1.69 5.81
N ASN B 247 -3.87 2.88 5.29
CA ASN B 247 -5.05 3.23 4.46
C ASN B 247 -4.48 3.48 3.06
N ILE B 248 -4.49 2.46 2.21
N ILE B 248 -4.44 2.45 2.22
CA ILE B 248 -3.80 2.49 0.89
CA ILE B 248 -3.77 2.50 0.88
C ILE B 248 -4.68 3.20 -0.12
C ILE B 248 -4.68 3.20 -0.12
N PRO B 249 -4.26 4.36 -0.67
CA PRO B 249 -4.99 5.04 -1.74
C PRO B 249 -4.90 4.19 -3.02
N VAL B 250 -6.05 3.86 -3.60
CA VAL B 250 -6.13 3.14 -4.91
C VAL B 250 -6.92 4.07 -5.85
N ASP B 251 -6.27 5.14 -6.26
CA ASP B 251 -6.97 6.38 -6.73
C ASP B 251 -6.26 7.01 -7.92
N GLY B 252 -5.28 6.34 -8.51
CA GLY B 252 -4.54 6.83 -9.68
C GLY B 252 -3.86 8.17 -9.45
N GLY B 253 -3.72 8.58 -8.18
CA GLY B 253 -3.06 9.86 -7.84
C GLY B 253 -4.01 10.89 -7.23
N ALA B 254 -5.30 10.59 -7.06
CA ALA B 254 -6.31 11.59 -6.68
C ALA B 254 -5.86 12.34 -5.42
N THR B 255 -5.46 11.61 -4.36
CA THR B 255 -5.15 12.22 -3.04
C THR B 255 -3.70 12.71 -2.96
N ALA B 256 -2.88 12.43 -3.97
CA ALA B 256 -1.49 12.91 -4.03
C ALA B 256 -1.48 14.44 -4.31
N SER B 257 -2.57 15.01 -4.79
CA SER B 257 -2.68 16.47 -5.08
C SER B 257 -2.89 17.30 -3.81
N ASP B 258 -2.31 18.49 -3.76
CA ASP B 258 -2.57 19.54 -2.74
C ASP B 258 -3.89 20.30 -2.98
N GLY B 259 -4.67 19.92 -4.01
CA GLY B 259 -6.00 20.50 -4.28
C GLY B 259 -5.95 21.52 -5.42
N ALA B 260 -4.75 22.02 -5.75
CA ALA B 260 -4.56 23.02 -6.83
C ALA B 260 -5.07 22.42 -8.14
N PRO B 261 -5.64 23.24 -9.05
CA PRO B 261 -6.10 22.76 -10.35
C PRO B 261 -4.89 22.38 -11.21
N LYS B 262 -5.13 21.54 -12.22
CA LYS B 262 -4.11 21.14 -13.21
C LYS B 262 -4.10 22.22 -14.30
N ILE B 263 -2.93 22.78 -14.61
CA ILE B 263 -2.73 23.92 -15.57
C ILE B 263 -1.72 23.52 -16.66
#